data_8XPZ
#
_entry.id   8XPZ
#
_cell.length_a   170.905
_cell.length_b   40.204
_cell.length_c   49.533
_cell.angle_alpha   90.000
_cell.angle_beta   103.725
_cell.angle_gamma   90.000
#
_symmetry.space_group_name_H-M   'C 1 2 1'
#
loop_
_entity.id
_entity.type
_entity.pdbx_description
1 polymer 'Tau-tubulin kinase 1'
2 non-polymer 1,2-ETHANEDIOL
3 water water
#
_entity_poly.entity_id   1
_entity_poly.type   'polypeptide(L)'
_entity_poly.pdbx_seq_one_letter_code
;GHMSGGGEQADILPANYVVKDRWKVLKKIGGGGFGEIYEAMDLLTRENVALKVESAQQPKQVLKMEVAVLKKLQGKDHVC
RFIGCGRNEKFNYVVMQLQGRNLADLRRSQPRGTFTLSTTLRLGKQILESIEAIHSVGFLHRDIKPSNFAMGRLPSTYRK
CYMLDFGLARQYTNTTGDVRPPRNVAGFRGTVRYASVNAHKNREMGRHDDLWSLFYMLVEFAVGQLPWRKIKDKEQVGMI
KEKYEHRMLLKHMPSEFHLFLDHIASLDYFTKPDYQLIMSVFENSMKERGIAENEAFDWEKAGTDALLSTSTSTPPQQNT
RQTAAMFGVVNV
;
_entity_poly.pdbx_strand_id   A
#
loop_
_chem_comp.id
_chem_comp.type
_chem_comp.name
_chem_comp.formula
EDO non-polymer 1,2-ETHANEDIOL 'C2 H6 O2'
#
# COMPACT_ATOMS: atom_id res chain seq x y z
N GLN A 9 -23.56 -0.65 -11.68
CA GLN A 9 -24.84 -0.36 -12.40
C GLN A 9 -25.14 1.15 -12.36
N ALA A 10 -24.76 1.81 -11.26
CA ALA A 10 -24.91 3.28 -11.05
C ALA A 10 -24.00 3.74 -9.90
N ASP A 11 -23.50 4.98 -9.98
CA ASP A 11 -22.80 5.68 -8.86
C ASP A 11 -23.71 5.69 -7.63
N ILE A 12 -23.19 5.34 -6.45
CA ILE A 12 -23.94 5.39 -5.17
C ILE A 12 -24.36 6.85 -4.95
N LEU A 13 -23.41 7.76 -5.09
CA LEU A 13 -23.59 9.23 -4.92
C LEU A 13 -23.49 9.87 -6.31
N PRO A 14 -24.48 10.70 -6.72
CA PRO A 14 -24.37 11.47 -7.94
C PRO A 14 -23.63 12.80 -7.70
N ALA A 15 -23.05 13.38 -8.76
CA ALA A 15 -22.27 14.63 -8.72
C ALA A 15 -23.09 15.74 -8.05
N ASN A 16 -22.46 16.47 -7.14
CA ASN A 16 -23.01 17.66 -6.43
C ASN A 16 -23.95 17.22 -5.31
N TYR A 17 -24.12 15.90 -5.10
CA TYR A 17 -24.77 15.33 -3.89
C TYR A 17 -24.00 15.85 -2.68
N VAL A 18 -24.63 16.03 -1.52
CA VAL A 18 -23.94 16.56 -0.30
C VAL A 18 -24.17 15.59 0.87
N VAL A 19 -23.09 15.24 1.59
CA VAL A 19 -23.09 14.22 2.68
C VAL A 19 -23.02 14.93 4.03
N LYS A 20 -23.97 14.64 4.91
CA LYS A 20 -24.09 15.17 6.30
C LYS A 20 -23.88 16.69 6.31
N ASP A 21 -24.39 17.38 5.28
CA ASP A 21 -24.46 18.87 5.22
C ASP A 21 -23.06 19.50 5.29
N ARG A 22 -22.03 18.82 4.78
CA ARG A 22 -20.60 19.26 4.87
C ARG A 22 -19.81 18.87 3.60
N TRP A 23 -20.04 17.70 3.00
CA TRP A 23 -19.14 17.16 1.95
C TRP A 23 -19.89 17.02 0.62
N LYS A 24 -19.53 17.88 -0.35
CA LYS A 24 -20.22 18.03 -1.65
C LYS A 24 -19.44 17.24 -2.71
N VAL A 25 -19.97 16.10 -3.15
CA VAL A 25 -19.31 15.24 -4.18
C VAL A 25 -18.96 16.12 -5.39
N LEU A 26 -17.74 15.98 -5.93
CA LEU A 26 -17.26 16.69 -7.16
C LEU A 26 -17.25 15.71 -8.33
N LYS A 27 -16.45 14.65 -8.23
CA LYS A 27 -16.30 13.59 -9.26
C LYS A 27 -16.04 12.24 -8.57
N LYS A 28 -16.19 11.15 -9.31
CA LYS A 28 -15.73 9.79 -8.94
C LYS A 28 -14.24 9.69 -9.34
N ILE A 29 -13.37 9.20 -8.45
CA ILE A 29 -11.90 9.07 -8.69
C ILE A 29 -11.46 7.61 -8.63
N GLY A 30 -12.20 6.74 -7.93
CA GLY A 30 -11.90 5.29 -7.81
C GLY A 30 -13.15 4.46 -7.61
N GLY A 31 -12.98 3.17 -7.29
CA GLY A 31 -14.08 2.23 -6.99
C GLY A 31 -14.30 1.21 -8.10
N GLY A 32 -15.55 0.79 -8.29
CA GLY A 32 -15.95 -0.28 -9.23
C GLY A 32 -16.27 -1.58 -8.51
N GLY A 33 -15.42 -1.98 -7.55
CA GLY A 33 -15.58 -3.21 -6.75
C GLY A 33 -15.51 -2.94 -5.26
N PHE A 34 -16.44 -3.52 -4.49
CA PHE A 34 -16.49 -3.47 -2.99
C PHE A 34 -16.52 -2.02 -2.48
N GLY A 35 -17.13 -1.08 -3.21
CA GLY A 35 -17.25 0.33 -2.78
C GLY A 35 -16.78 1.29 -3.86
N GLU A 36 -16.85 2.59 -3.58
CA GLU A 36 -16.47 3.70 -4.50
C GLU A 36 -15.73 4.80 -3.71
N ILE A 37 -14.84 5.52 -4.38
CA ILE A 37 -14.07 6.68 -3.81
C ILE A 37 -14.42 7.92 -4.64
N TYR A 38 -14.72 9.03 -3.98
CA TYR A 38 -15.12 10.32 -4.60
C TYR A 38 -14.19 11.44 -4.14
N GLU A 39 -13.85 12.36 -5.05
CA GLU A 39 -13.37 13.70 -4.66
C GLU A 39 -14.62 14.50 -4.23
N ALA A 40 -14.55 15.18 -3.09
CA ALA A 40 -15.64 15.97 -2.52
C ALA A 40 -15.09 17.24 -1.88
N MET A 41 -15.93 18.25 -1.70
CA MET A 41 -15.53 19.54 -1.08
C MET A 41 -16.08 19.64 0.34
N ASP A 42 -15.20 19.88 1.30
CA ASP A 42 -15.54 20.13 2.73
C ASP A 42 -16.05 21.57 2.84
N LEU A 43 -17.37 21.76 2.80
CA LEU A 43 -18.01 23.11 2.76
C LEU A 43 -17.66 23.89 4.03
N LEU A 44 -17.23 23.25 5.11
CA LEU A 44 -16.75 23.94 6.35
C LEU A 44 -15.32 24.46 6.15
N THR A 45 -14.36 23.55 5.94
CA THR A 45 -12.89 23.84 5.93
C THR A 45 -12.41 24.29 4.54
N ARG A 46 -13.22 24.04 3.50
CA ARG A 46 -13.10 24.61 2.12
C ARG A 46 -12.08 23.81 1.30
N GLU A 47 -11.44 22.78 1.88
CA GLU A 47 -10.48 21.94 1.13
C GLU A 47 -11.22 20.75 0.50
N ASN A 48 -10.69 20.22 -0.59
CA ASN A 48 -11.13 18.97 -1.25
C ASN A 48 -10.71 17.77 -0.38
N VAL A 49 -11.55 16.73 -0.32
CA VAL A 49 -11.34 15.51 0.51
C VAL A 49 -11.66 14.25 -0.30
N ALA A 50 -11.10 13.12 0.15
CA ALA A 50 -11.43 11.74 -0.30
C ALA A 50 -12.67 11.28 0.47
N LEU A 51 -13.74 10.97 -0.25
CA LEU A 51 -15.00 10.45 0.30
C LEU A 51 -15.16 9.01 -0.19
N LYS A 52 -14.95 8.05 0.69
CA LYS A 52 -15.14 6.61 0.36
C LYS A 52 -16.54 6.20 0.81
N VAL A 53 -17.32 5.58 -0.07
CA VAL A 53 -18.70 5.12 0.25
C VAL A 53 -18.84 3.63 -0.06
N GLU A 54 -19.44 2.90 0.89
CA GLU A 54 -19.91 1.50 0.74
C GLU A 54 -21.43 1.53 0.73
N SER A 55 -22.07 0.77 -0.16
CA SER A 55 -23.53 0.50 -0.15
C SER A 55 -23.87 -0.26 1.14
N ALA A 56 -24.88 0.20 1.89
CA ALA A 56 -25.26 -0.36 3.22
C ALA A 56 -25.94 -1.72 3.02
N GLN A 57 -26.41 -2.03 1.81
CA GLN A 57 -27.06 -3.31 1.43
C GLN A 57 -26.00 -4.33 1.00
N GLN A 58 -24.74 -3.93 0.86
CA GLN A 58 -23.63 -4.77 0.33
C GLN A 58 -23.34 -5.90 1.32
N PRO A 59 -23.09 -7.15 0.85
CA PRO A 59 -22.85 -8.30 1.74
C PRO A 59 -21.56 -8.21 2.57
N LYS A 60 -20.40 -8.04 1.91
CA LYS A 60 -19.07 -7.92 2.58
C LYS A 60 -18.78 -6.45 2.88
N GLN A 61 -18.49 -6.14 4.15
CA GLN A 61 -18.42 -4.75 4.70
C GLN A 61 -16.99 -4.47 5.19
N VAL A 62 -16.14 -3.94 4.31
CA VAL A 62 -14.69 -3.70 4.58
C VAL A 62 -14.48 -2.30 5.18
N LEU A 63 -15.35 -1.34 4.85
CA LEU A 63 -15.24 0.09 5.27
C LEU A 63 -15.18 0.20 6.79
N LYS A 64 -15.82 -0.71 7.53
CA LYS A 64 -15.81 -0.76 9.02
C LYS A 64 -14.36 -0.76 9.50
N MET A 65 -13.56 -1.69 8.98
CA MET A 65 -12.21 -2.00 9.49
C MET A 65 -11.18 -1.03 8.90
N GLU A 66 -11.32 -0.64 7.62
CA GLU A 66 -10.64 0.56 7.03
C GLU A 66 -10.62 1.72 8.04
N VAL A 67 -11.79 2.09 8.58
CA VAL A 67 -11.91 3.16 9.60
C VAL A 67 -11.11 2.72 10.84
N ALA A 68 -11.39 1.52 11.36
CA ALA A 68 -10.68 0.90 12.52
C ALA A 68 -9.16 1.09 12.35
N VAL A 69 -8.62 0.59 11.24
CA VAL A 69 -7.16 0.65 10.92
C VAL A 69 -6.73 2.11 10.86
N LEU A 70 -7.49 2.90 10.09
CA LEU A 70 -7.22 4.34 9.81
C LEU A 70 -7.25 5.14 11.12
N LYS A 71 -8.07 4.70 12.10
CA LYS A 71 -8.19 5.37 13.42
C LYS A 71 -6.98 5.02 14.30
N LYS A 72 -6.56 3.76 14.34
CA LYS A 72 -5.40 3.31 15.16
C LYS A 72 -4.11 3.97 14.66
N LEU A 73 -4.07 4.39 13.38
CA LEU A 73 -2.84 4.91 12.71
C LEU A 73 -2.80 6.45 12.72
N GLN A 74 -3.83 7.14 13.24
CA GLN A 74 -3.83 8.61 13.38
C GLN A 74 -2.70 9.01 14.34
N GLY A 75 -1.83 9.94 13.95
CA GLY A 75 -0.67 10.40 14.73
C GLY A 75 0.64 9.78 14.23
N LYS A 76 0.55 8.93 13.20
CA LYS A 76 1.71 8.38 12.46
C LYS A 76 1.78 9.06 11.08
N ASP A 77 2.97 9.16 10.52
CA ASP A 77 3.22 9.67 9.15
C ASP A 77 2.76 8.62 8.13
N HIS A 78 2.63 9.00 6.85
CA HIS A 78 2.33 8.09 5.72
C HIS A 78 0.90 7.52 5.81
N VAL A 79 0.01 8.18 6.57
CA VAL A 79 -1.41 7.76 6.76
C VAL A 79 -2.30 9.01 6.60
N CYS A 80 -3.35 8.90 5.78
CA CYS A 80 -4.36 9.98 5.56
C CYS A 80 -4.97 10.40 6.90
N ARG A 81 -5.10 11.71 7.12
CA ARG A 81 -5.84 12.28 8.27
C ARG A 81 -7.29 11.80 8.16
N PHE A 82 -7.87 11.38 9.29
CA PHE A 82 -9.29 10.95 9.41
C PHE A 82 -10.17 12.19 9.65
N ILE A 83 -11.10 12.48 8.74
CA ILE A 83 -11.98 13.68 8.84
C ILE A 83 -13.29 13.24 9.49
N GLY A 84 -14.08 12.40 8.81
CA GLY A 84 -15.35 11.88 9.35
C GLY A 84 -15.63 10.44 8.97
N CYS A 85 -16.72 9.88 9.50
CA CYS A 85 -17.37 8.63 9.04
C CYS A 85 -18.81 8.62 9.51
N GLY A 86 -19.72 7.98 8.77
CA GLY A 86 -21.14 7.89 9.13
C GLY A 86 -21.85 6.75 8.45
N ARG A 87 -22.92 6.25 9.09
CA ARG A 87 -23.84 5.22 8.57
C ARG A 87 -25.17 5.88 8.22
N ASN A 88 -25.87 5.41 7.19
CA ASN A 88 -27.28 5.80 6.91
C ASN A 88 -28.00 4.70 6.12
N GLU A 89 -29.15 5.02 5.52
CA GLU A 89 -30.16 4.05 5.01
C GLU A 89 -29.67 3.40 3.72
N LYS A 90 -28.86 4.10 2.92
CA LYS A 90 -28.45 3.68 1.55
C LYS A 90 -26.94 3.37 1.46
N PHE A 91 -26.09 4.05 2.23
CA PHE A 91 -24.61 3.90 2.18
C PHE A 91 -23.99 4.16 3.56
N ASN A 92 -22.81 3.56 3.80
CA ASN A 92 -21.83 4.00 4.83
C ASN A 92 -20.70 4.76 4.12
N TYR A 93 -20.05 5.70 4.82
CA TYR A 93 -19.01 6.55 4.22
C TYR A 93 -17.88 6.73 5.23
N VAL A 94 -16.69 7.04 4.72
CA VAL A 94 -15.57 7.64 5.51
C VAL A 94 -15.03 8.84 4.73
N VAL A 95 -14.62 9.88 5.44
CA VAL A 95 -14.04 11.11 4.84
C VAL A 95 -12.58 11.17 5.28
N MET A 96 -11.67 11.41 4.35
CA MET A 96 -10.21 11.37 4.56
C MET A 96 -9.55 12.61 3.95
N GLN A 97 -8.32 12.90 4.36
CA GLN A 97 -7.40 13.81 3.63
C GLN A 97 -7.23 13.26 2.22
N LEU A 98 -7.20 14.15 1.22
CA LEU A 98 -6.91 13.83 -0.20
C LEU A 98 -5.40 13.87 -0.44
N GLN A 99 -4.89 12.91 -1.22
CA GLN A 99 -3.46 12.80 -1.59
C GLN A 99 -3.34 13.02 -3.10
N GLY A 100 -2.12 12.94 -3.63
CA GLY A 100 -1.80 13.27 -5.02
C GLY A 100 -1.65 12.03 -5.85
N ARG A 101 -0.70 12.04 -6.80
CA ARG A 101 -0.48 10.96 -7.78
C ARG A 101 0.08 9.75 -7.06
N ASN A 102 -0.43 8.55 -7.37
CA ASN A 102 0.07 7.27 -6.80
C ASN A 102 1.32 6.83 -7.57
N LEU A 103 2.11 5.92 -7.00
CA LEU A 103 3.43 5.48 -7.53
C LEU A 103 3.25 4.75 -8.86
N ALA A 104 2.19 3.97 -9.05
CA ALA A 104 1.93 3.21 -10.30
C ALA A 104 1.89 4.21 -11.47
N ASP A 105 1.00 5.21 -11.41
CA ASP A 105 0.87 6.28 -12.43
C ASP A 105 2.22 7.01 -12.59
N LEU A 106 2.92 7.32 -11.48
CA LEU A 106 4.21 8.06 -11.49
C LEU A 106 5.31 7.26 -12.20
N ARG A 107 5.35 5.94 -12.03
CA ARG A 107 6.33 5.04 -12.71
C ARG A 107 6.01 4.95 -14.21
N ARG A 108 4.73 4.93 -14.61
CA ARG A 108 4.33 4.87 -16.04
C ARG A 108 4.64 6.20 -16.72
N SER A 109 4.60 7.31 -15.97
CA SER A 109 4.89 8.67 -16.48
C SER A 109 6.38 8.78 -16.88
N GLN A 110 7.27 8.12 -16.15
CA GLN A 110 8.74 8.16 -16.39
C GLN A 110 9.04 7.48 -17.72
N PRO A 111 10.05 7.95 -18.50
CA PRO A 111 10.53 7.19 -19.65
C PRO A 111 11.37 5.99 -19.17
N ARG A 112 11.22 4.86 -19.86
CA ARG A 112 11.83 3.54 -19.53
C ARG A 112 11.00 2.85 -18.45
N GLY A 113 9.90 3.47 -18.01
CA GLY A 113 9.06 3.01 -16.88
C GLY A 113 9.90 2.61 -15.66
N THR A 114 10.96 3.36 -15.35
CA THR A 114 11.91 3.08 -14.24
C THR A 114 12.14 4.34 -13.42
N PHE A 115 12.50 4.17 -12.14
CA PHE A 115 12.91 5.26 -11.23
C PHE A 115 14.41 5.12 -10.96
N THR A 116 15.15 6.22 -11.01
CA THR A 116 16.55 6.30 -10.49
C THR A 116 16.58 5.71 -9.08
N LEU A 117 17.71 5.12 -8.70
CA LEU A 117 17.89 4.48 -7.37
C LEU A 117 17.68 5.53 -6.27
N SER A 118 17.96 6.80 -6.57
CA SER A 118 17.72 7.94 -5.67
C SER A 118 16.26 7.90 -5.17
N THR A 119 15.32 7.83 -6.12
CA THR A 119 13.85 7.82 -5.87
C THR A 119 13.46 6.45 -5.32
N THR A 120 13.84 5.36 -5.98
CA THR A 120 13.49 3.97 -5.56
C THR A 120 13.83 3.75 -4.08
N LEU A 121 15.03 4.15 -3.64
CA LEU A 121 15.51 3.86 -2.26
C LEU A 121 14.76 4.74 -1.27
N ARG A 122 14.49 5.99 -1.62
CA ARG A 122 13.83 6.96 -0.69
C ARG A 122 12.37 6.55 -0.54
N LEU A 123 11.72 6.09 -1.61
CA LEU A 123 10.35 5.51 -1.57
C LEU A 123 10.34 4.26 -0.69
N GLY A 124 11.35 3.39 -0.81
CA GLY A 124 11.51 2.17 0.01
C GLY A 124 11.52 2.46 1.51
N LYS A 125 12.26 3.50 1.92
CA LYS A 125 12.36 3.93 3.34
C LYS A 125 10.98 4.33 3.86
N GLN A 126 10.27 5.22 3.15
CA GLN A 126 8.93 5.69 3.56
C GLN A 126 7.94 4.53 3.58
N ILE A 127 7.89 3.71 2.51
CA ILE A 127 6.95 2.55 2.44
C ILE A 127 7.23 1.59 3.61
N LEU A 128 8.50 1.37 3.95
CA LEU A 128 8.88 0.44 5.07
C LEU A 128 8.44 1.02 6.43
N GLU A 129 8.61 2.32 6.66
CA GLU A 129 8.15 2.97 7.92
C GLU A 129 6.65 2.68 8.09
N SER A 130 5.85 2.92 7.05
CA SER A 130 4.38 2.70 7.09
C SER A 130 4.03 1.20 7.19
N ILE A 131 4.83 0.29 6.63
CA ILE A 131 4.58 -1.18 6.79
C ILE A 131 4.86 -1.59 8.24
N GLU A 132 5.97 -1.10 8.82
CA GLU A 132 6.22 -1.27 10.27
C GLU A 132 5.05 -0.66 11.06
N ALA A 133 4.60 0.55 10.68
CA ALA A 133 3.50 1.28 11.37
C ALA A 133 2.24 0.41 11.46
N ILE A 134 1.75 -0.15 10.35
CA ILE A 134 0.48 -0.93 10.34
C ILE A 134 0.68 -2.25 11.12
N HIS A 135 1.87 -2.82 11.07
CA HIS A 135 2.26 -4.04 11.83
C HIS A 135 2.21 -3.69 13.32
N SER A 136 2.71 -2.50 13.68
CA SER A 136 2.82 -1.99 15.08
C SER A 136 1.45 -1.99 15.76
N VAL A 137 0.35 -1.79 15.02
CA VAL A 137 -1.05 -1.75 15.56
C VAL A 137 -1.80 -3.07 15.28
N GLY A 138 -1.10 -4.15 14.92
CA GLY A 138 -1.67 -5.52 14.85
C GLY A 138 -2.39 -5.83 13.54
N PHE A 139 -2.05 -5.17 12.43
CA PHE A 139 -2.70 -5.43 11.11
C PHE A 139 -1.67 -5.65 10.01
N LEU A 140 -1.96 -6.65 9.19
CA LEU A 140 -1.35 -6.83 7.84
C LEU A 140 -2.14 -5.96 6.87
N HIS A 141 -1.47 -5.36 5.89
CA HIS A 141 -2.10 -4.66 4.74
C HIS A 141 -2.57 -5.72 3.73
N ARG A 142 -1.67 -6.59 3.28
CA ARG A 142 -1.94 -7.77 2.41
C ARG A 142 -2.23 -7.35 0.98
N ASP A 143 -2.27 -6.05 0.68
CA ASP A 143 -2.45 -5.53 -0.71
C ASP A 143 -1.37 -4.46 -0.98
N ILE A 144 -0.14 -4.71 -0.55
CA ILE A 144 1.01 -3.80 -0.83
C ILE A 144 1.29 -3.84 -2.35
N LYS A 145 1.02 -2.74 -3.05
CA LYS A 145 1.40 -2.52 -4.46
C LYS A 145 1.45 -1.02 -4.74
N PRO A 146 2.12 -0.59 -5.84
CA PRO A 146 2.37 0.83 -6.09
C PRO A 146 1.12 1.73 -6.09
N SER A 147 0.03 1.28 -6.70
CA SER A 147 -1.26 2.01 -6.79
C SER A 147 -1.85 2.26 -5.39
N ASN A 148 -1.39 1.55 -4.36
CA ASN A 148 -1.82 1.76 -2.95
C ASN A 148 -0.86 2.69 -2.21
N PHE A 149 -0.04 3.48 -2.92
CA PHE A 149 0.84 4.51 -2.29
C PHE A 149 0.81 5.78 -3.13
N ALA A 150 0.58 6.92 -2.49
CA ALA A 150 0.44 8.23 -3.17
C ALA A 150 1.33 9.26 -2.47
N MET A 151 1.83 10.21 -3.26
CA MET A 151 2.57 11.40 -2.78
C MET A 151 1.53 12.42 -2.35
N GLY A 152 1.84 13.20 -1.31
CA GLY A 152 1.02 14.33 -0.87
C GLY A 152 0.78 15.33 -1.98
N ARG A 153 -0.20 16.22 -1.79
CA ARG A 153 -0.61 17.23 -2.79
C ARG A 153 -0.54 18.64 -2.16
N LEU A 154 0.22 18.80 -1.06
CA LEU A 154 0.40 20.08 -0.33
C LEU A 154 1.88 20.45 -0.24
N PRO A 155 2.21 21.75 -0.11
CA PRO A 155 3.55 22.19 0.28
C PRO A 155 4.17 21.48 1.49
N SER A 156 3.36 21.04 2.47
CA SER A 156 3.84 20.29 3.67
C SER A 156 4.11 18.81 3.35
N THR A 157 3.59 18.28 2.24
CA THR A 157 3.40 16.80 2.07
C THR A 157 3.89 16.29 0.70
N TYR A 158 4.21 17.16 -0.25
CA TYR A 158 4.46 16.78 -1.67
C TYR A 158 5.65 15.83 -1.81
N ARG A 159 6.44 15.61 -0.75
CA ARG A 159 7.62 14.69 -0.75
C ARG A 159 7.39 13.52 0.23
N LYS A 160 6.19 13.40 0.79
CA LYS A 160 5.78 12.30 1.70
C LYS A 160 4.95 11.28 0.91
N CYS A 161 5.28 10.01 1.07
CA CYS A 161 4.54 8.85 0.51
C CYS A 161 3.47 8.43 1.51
N TYR A 162 2.22 8.24 1.10
CA TYR A 162 1.14 7.75 2.00
C TYR A 162 0.66 6.35 1.58
N MET A 163 0.43 5.48 2.56
CA MET A 163 -0.21 4.14 2.43
C MET A 163 -1.73 4.35 2.34
N LEU A 164 -2.43 3.70 1.41
CA LEU A 164 -3.81 4.11 1.00
C LEU A 164 -4.92 3.13 1.38
N ASP A 165 -5.03 1.93 0.81
CA ASP A 165 -6.32 1.17 0.90
C ASP A 165 -6.15 0.02 1.90
N PHE A 166 -6.94 0.04 2.98
CA PHE A 166 -6.88 -0.93 4.10
C PHE A 166 -8.08 -1.90 4.02
N GLY A 167 -8.65 -2.06 2.83
CA GLY A 167 -9.85 -2.88 2.60
C GLY A 167 -9.57 -4.36 2.64
N LEU A 168 -8.35 -4.81 2.34
CA LEU A 168 -7.98 -6.25 2.48
C LEU A 168 -7.20 -6.48 3.77
N ALA A 169 -7.13 -5.52 4.69
CA ALA A 169 -6.24 -5.59 5.86
C ALA A 169 -6.77 -6.64 6.85
N ARG A 170 -5.89 -7.28 7.63
CA ARG A 170 -6.30 -8.30 8.62
C ARG A 170 -5.53 -8.07 9.92
N GLN A 171 -6.20 -8.26 11.04
CA GLN A 171 -5.62 -8.18 12.40
C GLN A 171 -4.91 -9.50 12.69
N TYR A 172 -3.59 -9.48 12.91
CA TYR A 172 -2.78 -10.71 13.15
C TYR A 172 -2.57 -10.92 14.65
N THR A 173 -3.04 -9.98 15.47
CA THR A 173 -2.84 -10.00 16.95
C THR A 173 -4.19 -10.03 17.67
N ASN A 174 -4.14 -9.80 18.98
CA ASN A 174 -5.28 -9.52 19.88
C ASN A 174 -4.86 -8.32 20.75
N THR A 175 -5.70 -7.95 21.73
CA THR A 175 -5.42 -6.84 22.68
C THR A 175 -4.08 -7.10 23.39
N THR A 176 -3.84 -8.35 23.83
CA THR A 176 -2.64 -8.77 24.60
C THR A 176 -1.39 -8.66 23.72
N GLY A 177 -1.55 -8.67 22.40
CA GLY A 177 -0.42 -8.64 21.43
C GLY A 177 0.11 -10.03 21.13
N ASP A 178 -0.67 -11.07 21.44
CA ASP A 178 -0.30 -12.45 21.05
C ASP A 178 -0.62 -12.62 19.56
N VAL A 179 0.20 -13.37 18.85
CA VAL A 179 -0.03 -13.67 17.41
C VAL A 179 -1.21 -14.65 17.32
N ARG A 180 -2.15 -14.31 16.45
CA ARG A 180 -3.40 -15.04 16.15
C ARG A 180 -2.98 -16.31 15.43
N PRO A 181 -3.58 -17.49 15.73
CA PRO A 181 -3.22 -18.72 15.02
C PRO A 181 -3.69 -18.70 13.57
N PRO A 182 -2.86 -19.17 12.61
CA PRO A 182 -3.20 -19.09 11.20
C PRO A 182 -4.29 -20.12 10.85
N ARG A 183 -4.99 -19.89 9.74
CA ARG A 183 -5.83 -20.89 9.05
C ARG A 183 -4.89 -21.76 8.18
N ASN A 184 -5.16 -23.05 8.07
CA ASN A 184 -4.43 -23.99 7.16
C ASN A 184 -4.57 -23.50 5.72
N VAL A 185 -5.79 -23.13 5.32
CA VAL A 185 -6.05 -22.41 4.05
C VAL A 185 -6.65 -21.04 4.37
N ALA A 186 -6.07 -19.99 3.79
CA ALA A 186 -6.68 -18.65 3.63
C ALA A 186 -6.55 -18.25 2.15
N GLY A 187 -7.68 -18.08 1.47
CA GLY A 187 -7.69 -17.77 0.02
C GLY A 187 -7.22 -16.34 -0.22
N PHE A 188 -6.28 -16.17 -1.15
CA PHE A 188 -5.66 -14.87 -1.47
C PHE A 188 -6.56 -14.09 -2.45
N ARG A 189 -7.20 -13.00 -2.01
CA ARG A 189 -8.12 -12.20 -2.88
C ARG A 189 -7.49 -10.84 -3.24
N GLY A 190 -6.41 -10.83 -4.02
CA GLY A 190 -5.63 -9.60 -4.31
C GLY A 190 -4.78 -9.73 -5.57
N THR A 191 -4.33 -8.59 -6.11
CA THR A 191 -3.30 -8.41 -7.18
C THR A 191 -2.14 -9.39 -6.95
N VAL A 192 -1.78 -10.19 -7.95
CA VAL A 192 -0.82 -11.33 -7.78
C VAL A 192 0.60 -10.90 -8.17
N ARG A 193 0.74 -9.75 -8.86
CA ARG A 193 2.05 -9.27 -9.35
C ARG A 193 3.04 -9.14 -8.18
N TYR A 194 2.59 -8.63 -7.02
CA TYR A 194 3.48 -8.38 -5.86
C TYR A 194 3.16 -9.36 -4.71
N ALA A 195 2.33 -10.37 -4.97
CA ALA A 195 2.01 -11.43 -3.99
C ALA A 195 3.25 -12.28 -3.71
N SER A 196 3.47 -12.61 -2.45
CA SER A 196 4.51 -13.57 -2.00
C SER A 196 4.08 -14.99 -2.40
N VAL A 197 5.00 -15.94 -2.38
CA VAL A 197 4.73 -17.37 -2.75
C VAL A 197 3.72 -17.96 -1.75
N ASN A 198 3.81 -17.59 -0.46
CA ASN A 198 2.86 -18.03 0.60
C ASN A 198 1.44 -17.64 0.21
N ALA A 199 1.23 -16.40 -0.20
CA ALA A 199 -0.08 -15.88 -0.64
C ALA A 199 -0.54 -16.70 -1.84
N HIS A 200 0.36 -16.93 -2.79
CA HIS A 200 0.12 -17.76 -4.00
C HIS A 200 -0.28 -19.19 -3.62
N LYS A 201 0.25 -19.72 -2.51
CA LYS A 201 -0.02 -21.11 -2.06
C LYS A 201 -1.26 -21.13 -1.17
N ASN A 202 -1.93 -19.99 -1.03
CA ASN A 202 -3.17 -19.80 -0.23
C ASN A 202 -2.92 -20.19 1.23
N ARG A 203 -1.77 -19.81 1.77
CA ARG A 203 -1.41 -19.95 3.20
C ARG A 203 -1.72 -18.63 3.92
N GLU A 204 -1.95 -18.70 5.23
CA GLU A 204 -2.15 -17.47 6.06
C GLU A 204 -0.95 -16.55 5.86
N MET A 205 -1.19 -15.31 5.43
CA MET A 205 -0.12 -14.32 5.19
C MET A 205 0.40 -13.80 6.52
N GLY A 206 1.62 -13.28 6.53
CA GLY A 206 2.25 -12.73 7.74
C GLY A 206 2.80 -11.34 7.46
N ARG A 207 3.66 -10.86 8.36
CA ARG A 207 4.31 -9.54 8.20
C ARG A 207 5.32 -9.66 7.05
N HIS A 208 5.98 -10.81 6.94
CA HIS A 208 7.00 -11.09 5.90
C HIS A 208 6.37 -10.88 4.52
N ASP A 209 5.14 -11.34 4.32
CA ASP A 209 4.45 -11.31 3.01
C ASP A 209 4.25 -9.86 2.56
N ASP A 210 4.11 -8.91 3.50
CA ASP A 210 4.05 -7.46 3.19
C ASP A 210 5.42 -6.99 2.71
N LEU A 211 6.50 -7.46 3.34
CA LEU A 211 7.90 -7.17 2.92
C LEU A 211 8.20 -7.84 1.57
N TRP A 212 7.68 -9.05 1.29
CA TRP A 212 7.82 -9.67 -0.05
C TRP A 212 7.28 -8.73 -1.13
N SER A 213 6.09 -8.17 -0.92
CA SER A 213 5.46 -7.16 -1.81
C SER A 213 6.37 -5.94 -1.92
N LEU A 214 6.90 -5.46 -0.79
CA LEU A 214 7.87 -4.33 -0.77
C LEU A 214 9.08 -4.66 -1.66
N PHE A 215 9.67 -5.84 -1.47
CA PHE A 215 10.83 -6.32 -2.26
C PHE A 215 10.48 -6.22 -3.75
N TYR A 216 9.46 -6.95 -4.21
CA TYR A 216 9.06 -7.01 -5.65
C TYR A 216 8.78 -5.62 -6.21
N MET A 217 8.21 -4.70 -5.43
CA MET A 217 7.97 -3.30 -5.88
C MET A 217 9.30 -2.60 -6.22
N LEU A 218 10.28 -2.67 -5.31
CA LEU A 218 11.58 -1.92 -5.41
C LEU A 218 12.35 -2.41 -6.64
N VAL A 219 12.27 -3.71 -6.94
CA VAL A 219 12.84 -4.32 -8.16
C VAL A 219 12.18 -3.68 -9.39
N GLU A 220 10.85 -3.72 -9.49
CA GLU A 220 10.08 -3.14 -10.64
C GLU A 220 10.38 -1.63 -10.75
N PHE A 221 10.66 -0.94 -9.65
CA PHE A 221 10.98 0.52 -9.67
C PHE A 221 12.33 0.75 -10.37
N ALA A 222 13.32 -0.06 -10.02
CA ALA A 222 14.74 0.07 -10.46
C ALA A 222 14.92 -0.55 -11.86
N VAL A 223 14.56 -1.83 -12.00
CA VAL A 223 14.70 -2.62 -13.27
C VAL A 223 13.62 -2.21 -14.30
N GLY A 224 12.40 -1.86 -13.88
CA GLY A 224 11.33 -1.38 -14.77
C GLY A 224 10.35 -2.48 -15.17
N GLN A 225 10.64 -3.73 -14.80
CA GLN A 225 9.77 -4.90 -15.10
C GLN A 225 10.05 -6.01 -14.08
N LEU A 226 9.13 -6.96 -13.99
CA LEU A 226 9.30 -8.25 -13.27
C LEU A 226 9.16 -9.38 -14.29
N PRO A 227 9.84 -10.53 -14.07
CA PRO A 227 9.82 -11.62 -15.06
C PRO A 227 8.40 -12.10 -15.44
N TRP A 228 7.41 -11.92 -14.56
CA TRP A 228 6.02 -12.43 -14.73
C TRP A 228 5.06 -11.32 -15.14
N ARG A 229 5.58 -10.17 -15.61
CA ARG A 229 4.82 -8.93 -15.93
C ARG A 229 3.64 -9.24 -16.85
N LYS A 230 3.87 -10.01 -17.90
CA LYS A 230 2.86 -10.29 -18.97
C LYS A 230 1.73 -11.17 -18.41
N ILE A 231 2.06 -12.19 -17.62
CA ILE A 231 1.13 -13.31 -17.26
C ILE A 231 -0.04 -12.75 -16.46
N LYS A 232 -1.27 -13.14 -16.82
CA LYS A 232 -2.53 -12.69 -16.18
C LYS A 232 -3.20 -13.87 -15.46
N ASP A 233 -2.68 -15.10 -15.63
CA ASP A 233 -3.15 -16.30 -14.88
C ASP A 233 -2.46 -16.39 -13.50
N LYS A 234 -3.26 -16.48 -12.44
CA LYS A 234 -2.82 -16.44 -11.02
C LYS A 234 -1.92 -17.65 -10.69
N GLU A 235 -2.34 -18.86 -11.06
CA GLU A 235 -1.57 -20.15 -10.92
C GLU A 235 -0.18 -20.02 -11.53
N GLN A 236 -0.09 -19.61 -12.80
CA GLN A 236 1.19 -19.52 -13.56
C GLN A 236 2.16 -18.56 -12.85
N VAL A 237 1.70 -17.39 -12.41
CA VAL A 237 2.59 -16.40 -11.76
C VAL A 237 3.25 -17.05 -10.54
N GLY A 238 2.49 -17.82 -9.76
CA GLY A 238 2.94 -18.44 -8.49
C GLY A 238 3.99 -19.51 -8.72
N MET A 239 3.84 -20.28 -9.79
CA MET A 239 4.75 -21.43 -10.10
C MET A 239 6.07 -20.88 -10.63
N ILE A 240 6.02 -19.82 -11.44
CA ILE A 240 7.20 -19.04 -11.90
C ILE A 240 7.96 -18.48 -10.68
N LYS A 241 7.28 -17.77 -9.78
CA LYS A 241 7.88 -17.20 -8.54
C LYS A 241 8.44 -18.31 -7.64
N GLU A 242 7.72 -19.42 -7.50
CA GLU A 242 8.12 -20.53 -6.60
C GLU A 242 9.48 -21.09 -7.02
N LYS A 243 9.83 -21.06 -8.31
CA LYS A 243 11.07 -21.69 -8.86
C LYS A 243 12.15 -20.64 -9.13
N TYR A 244 11.78 -19.39 -9.38
CA TYR A 244 12.67 -18.31 -9.89
C TYR A 244 13.82 -18.08 -8.91
N GLU A 245 15.02 -17.85 -9.46
CA GLU A 245 16.26 -17.59 -8.67
C GLU A 245 16.30 -16.08 -8.38
N HIS A 246 15.76 -15.69 -7.23
CA HIS A 246 15.48 -14.28 -6.85
C HIS A 246 16.77 -13.46 -6.91
N ARG A 247 17.93 -14.12 -6.79
CA ARG A 247 19.25 -13.47 -6.94
C ARG A 247 19.30 -12.73 -8.28
N MET A 248 18.77 -13.35 -9.35
CA MET A 248 18.70 -12.75 -10.72
C MET A 248 18.09 -11.35 -10.61
N LEU A 249 16.99 -11.19 -9.87
CA LEU A 249 16.24 -9.91 -9.72
C LEU A 249 17.20 -8.83 -9.22
N LEU A 250 18.25 -9.22 -8.49
CA LEU A 250 19.22 -8.33 -7.81
C LEU A 250 20.47 -8.08 -8.67
N LYS A 251 20.53 -8.68 -9.87
CA LYS A 251 21.70 -8.58 -10.80
C LYS A 251 22.11 -7.12 -10.97
N HIS A 252 21.14 -6.22 -11.23
CA HIS A 252 21.36 -4.76 -11.48
C HIS A 252 20.92 -3.92 -10.27
N MET A 253 20.93 -4.50 -9.07
CA MET A 253 20.44 -3.83 -7.82
C MET A 253 21.59 -3.71 -6.82
N PRO A 254 21.53 -2.77 -5.84
CA PRO A 254 22.58 -2.62 -4.83
C PRO A 254 22.83 -3.93 -4.07
N SER A 255 24.09 -4.26 -3.79
CA SER A 255 24.48 -5.59 -3.27
C SER A 255 23.85 -5.82 -1.91
N GLU A 256 23.65 -4.74 -1.12
CA GLU A 256 23.02 -4.78 0.23
C GLU A 256 21.62 -5.45 0.18
N PHE A 257 20.93 -5.41 -0.97
CA PHE A 257 19.56 -5.97 -1.15
C PHE A 257 19.55 -7.49 -1.00
N HIS A 258 20.69 -8.16 -1.22
CA HIS A 258 20.86 -9.61 -0.96
C HIS A 258 20.57 -9.88 0.52
N LEU A 259 20.97 -8.96 1.42
CA LEU A 259 20.69 -9.06 2.88
C LEU A 259 19.17 -9.05 3.12
N PHE A 260 18.46 -8.11 2.50
CA PHE A 260 16.99 -7.97 2.51
C PHE A 260 16.34 -9.31 2.13
N LEU A 261 16.72 -9.84 0.97
CA LEU A 261 16.13 -11.10 0.43
C LEU A 261 16.34 -12.25 1.43
N ASP A 262 17.57 -12.49 1.88
CA ASP A 262 17.93 -13.69 2.68
C ASP A 262 17.14 -13.66 3.99
N HIS A 263 16.95 -12.48 4.57
CA HIS A 263 16.19 -12.30 5.84
C HIS A 263 14.74 -12.71 5.62
N ILE A 264 14.08 -12.16 4.61
CA ILE A 264 12.60 -12.36 4.45
C ILE A 264 12.36 -13.82 4.09
N ALA A 265 13.29 -14.47 3.39
CA ALA A 265 13.20 -15.92 3.03
C ALA A 265 13.26 -16.78 4.31
N SER A 266 13.94 -16.30 5.35
CA SER A 266 14.10 -17.01 6.65
C SER A 266 12.80 -16.98 7.48
N LEU A 267 11.98 -15.92 7.37
CA LEU A 267 10.82 -15.68 8.27
C LEU A 267 9.66 -16.63 7.96
N ASP A 268 8.80 -16.87 8.95
CA ASP A 268 7.51 -17.58 8.79
C ASP A 268 6.41 -16.73 9.43
N TYR A 269 5.18 -17.24 9.48
CA TYR A 269 3.96 -16.51 9.90
C TYR A 269 4.17 -15.82 11.26
N PHE A 270 4.87 -16.47 12.20
CA PHE A 270 4.99 -16.05 13.62
C PHE A 270 6.18 -15.11 13.87
N THR A 271 7.31 -15.30 13.17
CA THR A 271 8.56 -14.52 13.35
C THR A 271 8.33 -13.05 12.97
N LYS A 272 8.38 -12.16 13.96
CA LYS A 272 8.49 -10.69 13.78
C LYS A 272 9.68 -10.41 12.89
N PRO A 273 9.56 -9.58 11.83
CA PRO A 273 10.71 -9.21 11.01
C PRO A 273 11.67 -8.29 11.77
N ASP A 274 12.93 -8.26 11.33
CA ASP A 274 13.91 -7.20 11.65
C ASP A 274 13.67 -6.06 10.67
N TYR A 275 12.87 -5.07 11.06
CA TYR A 275 12.59 -3.86 10.26
C TYR A 275 13.83 -2.97 10.18
N GLN A 276 14.73 -3.02 11.18
CA GLN A 276 15.94 -2.16 11.21
C GLN A 276 16.95 -2.69 10.18
N LEU A 277 17.16 -4.00 10.11
CA LEU A 277 18.03 -4.59 9.07
C LEU A 277 17.60 -4.05 7.70
N ILE A 278 16.34 -4.31 7.31
CA ILE A 278 15.78 -3.91 5.97
C ILE A 278 15.99 -2.40 5.78
N MET A 279 15.79 -1.60 6.83
CA MET A 279 15.95 -0.12 6.75
C MET A 279 17.42 0.22 6.49
N SER A 280 18.37 -0.51 7.10
CA SER A 280 19.83 -0.34 6.90
C SER A 280 20.19 -0.48 5.42
N VAL A 281 19.71 -1.55 4.78
CA VAL A 281 19.93 -1.86 3.34
C VAL A 281 19.67 -0.60 2.50
N PHE A 282 18.64 0.19 2.81
CA PHE A 282 18.27 1.39 2.01
C PHE A 282 19.22 2.53 2.38
N GLU A 283 19.36 2.80 3.68
CA GLU A 283 20.24 3.87 4.23
C GLU A 283 21.65 3.66 3.66
N ASN A 284 22.23 2.48 3.88
CA ASN A 284 23.61 2.14 3.46
C ASN A 284 23.74 2.31 1.93
N SER A 285 22.78 1.83 1.14
CA SER A 285 22.81 1.90 -0.34
C SER A 285 22.88 3.37 -0.80
N MET A 286 22.06 4.23 -0.21
CA MET A 286 22.06 5.69 -0.47
C MET A 286 23.41 6.28 -0.03
N LYS A 287 23.91 5.82 1.13
CA LYS A 287 25.15 6.31 1.78
C LYS A 287 26.30 6.20 0.79
N GLU A 288 26.51 4.99 0.24
CA GLU A 288 27.61 4.65 -0.71
C GLU A 288 27.60 5.59 -1.93
N ARG A 289 26.42 5.91 -2.47
CA ARG A 289 26.27 6.61 -3.78
C ARG A 289 26.02 8.10 -3.57
N GLY A 290 26.13 8.59 -2.34
CA GLY A 290 26.01 10.03 -2.00
C GLY A 290 24.61 10.58 -2.24
N ILE A 291 23.59 9.73 -2.13
CA ILE A 291 22.15 10.12 -2.24
C ILE A 291 21.73 10.67 -0.88
N ALA A 292 21.01 11.80 -0.86
CA ALA A 292 20.53 12.46 0.38
C ALA A 292 19.03 12.78 0.26
N GLU A 293 18.36 12.91 1.41
CA GLU A 293 16.88 13.11 1.53
C GLU A 293 16.45 14.45 0.92
N ASN A 294 17.37 15.38 0.70
CA ASN A 294 17.06 16.71 0.08
C ASN A 294 17.06 16.59 -1.45
N GLU A 295 17.49 15.46 -2.03
CA GLU A 295 17.56 15.27 -3.51
C GLU A 295 16.15 15.21 -4.09
N ALA A 296 15.95 15.81 -5.27
CA ALA A 296 14.67 15.89 -6.00
C ALA A 296 14.18 14.48 -6.36
N PHE A 297 12.90 14.36 -6.72
CA PHE A 297 12.26 13.12 -7.20
C PHE A 297 12.11 13.23 -8.73
N ASP A 298 12.22 12.08 -9.43
CA ASP A 298 12.28 12.00 -10.92
C ASP A 298 11.11 12.79 -11.55
N TRP A 299 9.99 12.92 -10.86
CA TRP A 299 8.75 13.56 -11.41
C TRP A 299 8.79 15.07 -11.12
N GLU A 300 9.67 15.54 -10.23
CA GLU A 300 9.94 16.98 -9.97
C GLU A 300 10.86 17.53 -11.07
N LYS A 301 11.26 18.80 -10.97
CA LYS A 301 12.27 19.44 -11.86
C LYS A 301 12.95 20.60 -11.12
C1 EDO B . -6.66 9.27 -2.38
O1 EDO B . -5.66 9.84 -3.22
C2 EDO B . -6.56 9.74 -0.97
O2 EDO B . -6.71 8.70 -0.03
C1 EDO C . 5.90 6.03 10.50
O1 EDO C . 4.98 6.23 11.55
C2 EDO C . 5.22 6.01 9.18
O2 EDO C . 3.86 5.64 9.25
#